data_6I2C
#
_entry.id   6I2C
#
_cell.length_a   69.338
_cell.length_b   73.088
_cell.length_c   77.183
_cell.angle_alpha   90.00
_cell.angle_beta   90.00
_cell.angle_gamma   90.00
#
_symmetry.space_group_name_H-M   'P 21 21 21'
#
loop_
_entity.id
_entity.type
_entity.pdbx_description
1 polymer 'cAMP-dependent protein kinase catalytic subunit alpha'
2 polymer 'UPF0418 protein FAM164A'
3 non-polymer 5-(1,4-DIAZEPAN-1-SULFONYL)ISOQUINOLINE
4 non-polymer beta-D-ribopyranose
5 water water
#
loop_
_entity_poly.entity_id
_entity_poly.type
_entity_poly.pdbx_seq_one_letter_code
_entity_poly.pdbx_strand_id
1 'polypeptide(L)'
;GHMGNAAAAKKG(SEP)EQESVKEFLAKAKEEFLKKWESPSQNTAQLDHFDRIKTLGTGSFGRVMLVKHKETGNHYAMKI
LDKQKVVKLKQIEHTLNEKRILQAVNFPFLVKLEFSFKDNSNLYMVMEYVPGGEMFSHLRRIGRF(SEP)EPHARFYAAQ
IVLTFEYLHSLDLIYRDLKPENLLIDQQGYIQVTDFGFAKRVKGRTW(TPO)LCGTPEYLAPEIILSKGYNKAVDWWALG
VLIYEMAAGYPPFFADQPIQIYEKIVSGKVRFPSHFSSDLKDLLRNLLQVDLTKRFGNLKNGVNDIKNHKWFATTDWIAI
YQRKVEAPFIPKFKGPGDTSNFDDYEEEEIRV(SEP)INEKCGKEFTEF
;
A
2 'polypeptide(L)' TTYADFIASGRTSRRDAI B
#
# COMPACT_ATOMS: atom_id res chain seq x y z
N GLU A 14 3.48 26.53 -11.76
CA GLU A 14 3.00 25.45 -10.89
C GLU A 14 3.44 24.08 -11.45
N GLN A 15 3.37 23.93 -12.78
CA GLN A 15 3.91 22.72 -13.41
C GLN A 15 5.43 22.65 -13.25
N GLU A 16 6.11 23.80 -13.30
CA GLU A 16 7.55 23.78 -13.12
C GLU A 16 7.93 23.46 -11.69
N SER A 17 7.04 23.75 -10.74
CA SER A 17 7.32 23.41 -9.35
C SER A 17 7.28 21.90 -9.16
N VAL A 18 6.29 21.23 -9.78
CA VAL A 18 6.23 19.77 -9.70
C VAL A 18 7.46 19.16 -10.34
N LYS A 19 7.82 19.64 -11.55
CA LYS A 19 8.99 19.10 -12.24
C LYS A 19 10.24 19.22 -11.36
N GLU A 20 10.47 20.40 -10.78
CA GLU A 20 11.65 20.59 -9.95
C GLU A 20 11.58 19.75 -8.69
N PHE A 21 10.40 19.65 -8.08
CA PHE A 21 10.25 18.88 -6.85
C PHE A 21 10.59 17.42 -7.10
N LEU A 22 10.06 16.85 -8.18
CA LEU A 22 10.28 15.44 -8.47
C LEU A 22 11.74 15.18 -8.83
N ALA A 23 12.42 16.13 -9.49
CA ALA A 23 13.82 15.89 -9.83
C ALA A 23 14.69 15.85 -8.58
N LYS A 24 14.40 16.73 -7.63
CA LYS A 24 15.13 16.73 -6.37
C LYS A 24 14.86 15.43 -5.61
N ALA A 25 13.61 14.99 -5.63
CA ALA A 25 13.24 13.76 -4.93
C ALA A 25 13.91 12.56 -5.56
N LYS A 26 14.06 12.56 -6.89
CA LYS A 26 14.76 11.45 -7.55
C LYS A 26 16.24 11.44 -7.16
N GLU A 27 16.86 12.62 -7.03
CA GLU A 27 18.28 12.64 -6.65
C GLU A 27 18.47 12.12 -5.24
N GLU A 28 17.56 12.47 -4.33
CA GLU A 28 17.66 11.97 -2.97
C GLU A 28 17.40 10.47 -2.90
N PHE A 29 16.41 9.98 -3.65
CA PHE A 29 16.11 8.54 -3.68
C PHE A 29 17.30 7.73 -4.20
N LEU A 30 17.87 8.16 -5.33
CA LEU A 30 18.94 7.39 -5.95
C LEU A 30 20.16 7.31 -5.06
N LYS A 31 20.47 8.40 -4.34
CA LYS A 31 21.58 8.36 -3.39
C LYS A 31 21.38 7.25 -2.36
N LYS A 32 20.19 7.18 -1.75
CA LYS A 32 19.92 6.16 -0.73
C LYS A 32 19.75 4.77 -1.34
N TRP A 33 19.22 4.72 -2.57
CA TRP A 33 19.07 3.46 -3.29
C TRP A 33 20.42 2.81 -3.58
N GLU A 34 21.42 3.62 -3.95
CA GLU A 34 22.73 3.12 -4.30
C GLU A 34 23.59 2.82 -3.09
N SER A 35 23.35 3.44 -1.95
CA SER A 35 24.13 3.14 -0.74
C SER A 35 23.15 2.95 0.40
N PRO A 36 22.45 1.82 0.45
CA PRO A 36 21.43 1.62 1.49
C PRO A 36 22.02 1.58 2.89
N SER A 37 21.22 2.00 3.88
CA SER A 37 21.62 1.89 5.29
C SER A 37 21.44 0.46 5.80
N GLN A 38 22.34 0.06 6.69
CA GLN A 38 22.31 -1.29 7.22
C GLN A 38 22.62 -1.23 8.71
N ASN A 39 21.97 -2.09 9.47
CA ASN A 39 22.40 -2.45 10.83
C ASN A 39 22.40 -1.24 11.77
N THR A 40 21.22 -0.62 11.92
CA THR A 40 21.13 0.64 12.64
C THR A 40 20.48 0.52 14.02
N ALA A 41 20.19 -0.70 14.48
CA ALA A 41 19.77 -0.96 15.85
C ALA A 41 20.04 -2.43 16.13
N GLN A 42 19.54 -2.94 17.25
CA GLN A 42 19.59 -4.38 17.55
C GLN A 42 18.42 -4.75 18.46
N LEU A 43 18.12 -6.05 18.52
CA LEU A 43 16.86 -6.51 19.09
C LEU A 43 16.70 -6.06 20.54
N ASP A 44 17.76 -6.13 21.34
CA ASP A 44 17.61 -5.85 22.77
C ASP A 44 17.56 -4.35 23.09
N HIS A 45 17.51 -3.49 22.07
CA HIS A 45 17.14 -2.09 22.26
C HIS A 45 15.64 -1.89 22.43
N PHE A 46 14.83 -2.95 22.27
CA PHE A 46 13.38 -2.85 22.22
C PHE A 46 12.71 -3.85 23.16
N ASP A 47 11.61 -3.43 23.76
CA ASP A 47 10.65 -4.34 24.41
C ASP A 47 9.49 -4.62 23.47
N ARG A 48 9.13 -5.89 23.34
CA ARG A 48 7.96 -6.27 22.57
C ARG A 48 6.70 -6.03 23.40
N ILE A 49 5.67 -5.50 22.75
CA ILE A 49 4.42 -5.15 23.42
C ILE A 49 3.28 -6.05 22.94
N LYS A 50 3.02 -6.09 21.62
CA LYS A 50 1.82 -6.74 21.11
C LYS A 50 1.99 -7.00 19.62
N THR A 51 1.49 -8.14 19.15
CA THR A 51 1.46 -8.41 17.71
C THR A 51 0.33 -7.61 17.07
N LEU A 52 0.68 -6.83 16.04
CA LEU A 52 -0.26 -6.01 15.31
C LEU A 52 -0.77 -6.67 14.04
N GLY A 53 -0.04 -7.63 13.49
CA GLY A 53 -0.40 -8.24 12.21
C GLY A 53 0.46 -9.45 11.96
N THR A 54 -0.02 -10.44 11.21
CA THR A 54 0.75 -11.66 10.95
C THR A 54 0.52 -12.11 9.52
N GLY A 55 1.53 -12.79 8.97
CA GLY A 55 1.47 -13.32 7.61
C GLY A 55 2.47 -14.42 7.38
N GLY A 58 5.86 -13.47 8.08
CA GLY A 58 6.35 -12.90 9.32
C GLY A 58 5.27 -12.20 10.14
N ARG A 59 5.70 -11.31 11.03
CA ARG A 59 4.81 -10.63 11.97
C ARG A 59 5.20 -9.17 12.04
N VAL A 60 4.24 -8.33 12.44
CA VAL A 60 4.52 -6.95 12.81
C VAL A 60 4.12 -6.78 14.27
N MET A 61 5.02 -6.24 15.06
CA MET A 61 4.81 -6.07 16.49
C MET A 61 4.94 -4.61 16.88
N LEU A 62 4.10 -4.19 17.81
CA LEU A 62 4.35 -2.96 18.52
C LEU A 62 5.51 -3.20 19.48
N VAL A 63 6.53 -2.35 19.42
CA VAL A 63 7.66 -2.41 20.32
C VAL A 63 7.88 -1.03 20.93
N LYS A 64 8.59 -1.01 22.07
CA LYS A 64 8.99 0.22 22.75
C LYS A 64 10.51 0.27 22.78
N HIS A 65 11.05 1.36 22.27
CA HIS A 65 12.49 1.58 22.33
C HIS A 65 12.86 1.86 23.78
N LYS A 66 13.77 1.06 24.34
CA LYS A 66 13.99 1.10 25.79
C LYS A 66 14.57 2.45 26.23
N GLU A 67 15.54 2.97 25.47
CA GLU A 67 16.22 4.20 25.86
C GLU A 67 15.26 5.38 25.84
N THR A 68 14.48 5.51 24.76
CA THR A 68 13.66 6.70 24.57
C THR A 68 12.21 6.54 25.02
N GLY A 69 11.69 5.33 25.10
CA GLY A 69 10.27 5.14 25.32
C GLY A 69 9.43 5.30 24.08
N ASN A 70 10.04 5.59 22.94
CA ASN A 70 9.29 5.70 21.69
C ASN A 70 8.74 4.34 21.24
N HIS A 71 7.51 4.35 20.76
CA HIS A 71 6.89 3.17 20.16
C HIS A 71 7.12 3.11 18.65
N TYR A 72 7.28 1.89 18.14
CA TYR A 72 7.49 1.61 16.72
C TYR A 72 6.77 0.32 16.35
N ALA A 73 6.57 0.13 15.05
CA ALA A 73 6.08 -1.12 14.51
C ALA A 73 7.26 -1.88 13.92
N MET A 74 7.53 -3.05 14.44
CA MET A 74 8.68 -3.85 14.01
C MET A 74 8.18 -5.05 13.20
N LYS A 75 8.52 -5.06 11.92
CA LYS A 75 8.28 -6.19 11.05
C LYS A 75 9.41 -7.18 11.23
N ILE A 76 9.08 -8.44 11.49
CA ILE A 76 10.05 -9.50 11.77
C ILE A 76 9.86 -10.58 10.72
N LEU A 77 10.92 -10.90 9.99
CA LEU A 77 10.87 -11.93 8.96
C LEU A 77 11.81 -13.06 9.34
N ASP A 78 11.29 -14.27 9.35
CA ASP A 78 12.08 -15.49 9.55
C ASP A 78 12.83 -15.81 8.27
N LYS A 79 14.17 -15.74 8.31
CA LYS A 79 14.97 -15.94 7.09
C LYS A 79 14.72 -17.29 6.44
N GLN A 80 14.59 -18.36 7.25
CA GLN A 80 14.34 -19.67 6.66
C GLN A 80 12.98 -19.73 5.99
N LYS A 81 11.99 -19.06 6.58
CA LYS A 81 10.67 -19.03 5.96
C LYS A 81 10.71 -18.25 4.67
N VAL A 82 11.40 -17.10 4.66
CA VAL A 82 11.52 -16.29 3.43
C VAL A 82 12.14 -17.12 2.31
N VAL A 83 13.22 -17.83 2.60
CA VAL A 83 13.84 -18.70 1.59
C VAL A 83 12.86 -19.78 1.11
N LYS A 84 12.16 -20.44 2.04
CA LYS A 84 11.23 -21.51 1.67
C LYS A 84 10.13 -21.00 0.75
N LEU A 85 9.60 -19.81 1.04
CA LEU A 85 8.52 -19.25 0.26
C LEU A 85 9.02 -18.51 -0.98
N LYS A 86 10.31 -18.59 -1.28
CA LYS A 86 10.92 -17.97 -2.46
C LYS A 86 10.78 -16.46 -2.46
N GLN A 87 10.98 -15.82 -1.30
CA GLN A 87 10.75 -14.38 -1.15
C GLN A 87 12.03 -13.59 -0.89
N ILE A 88 13.19 -14.16 -1.21
CA ILE A 88 14.44 -13.47 -0.94
C ILE A 88 14.48 -12.11 -1.63
N GLU A 89 14.26 -12.11 -2.95
CA GLU A 89 14.45 -10.85 -3.68
C GLU A 89 13.39 -9.85 -3.26
N HIS A 90 12.16 -10.31 -3.04
CA HIS A 90 11.09 -9.40 -2.61
C HIS A 90 11.41 -8.77 -1.28
N THR A 91 11.99 -9.54 -0.37
CA THR A 91 12.29 -9.04 0.98
C THR A 91 13.41 -8.02 0.96
N LEU A 92 14.48 -8.34 0.23
CA LEU A 92 15.59 -7.41 0.09
C LEU A 92 15.12 -6.14 -0.59
N ASN A 93 14.23 -6.28 -1.58
CA ASN A 93 13.76 -5.14 -2.35
C ASN A 93 12.88 -4.24 -1.51
N GLU A 94 11.95 -4.83 -0.72
CA GLU A 94 11.12 -4.02 0.16
C GLU A 94 11.96 -3.15 1.08
N LYS A 95 12.99 -3.73 1.70
CA LYS A 95 13.78 -2.94 2.64
C LYS A 95 14.59 -1.89 1.89
N ARG A 96 15.07 -2.22 0.69
CA ARG A 96 15.83 -1.24 -0.06
C ARG A 96 14.96 -0.07 -0.48
N ILE A 97 13.72 -0.35 -0.86
CA ILE A 97 12.80 0.72 -1.23
C ILE A 97 12.49 1.59 -0.01
N LEU A 98 12.16 0.95 1.11
CA LEU A 98 11.69 1.72 2.26
C LEU A 98 12.79 2.61 2.83
N GLN A 99 14.03 2.16 2.84
CA GLN A 99 15.08 3.03 3.34
C GLN A 99 15.42 4.15 2.36
N ALA A 100 14.90 4.13 1.14
CA ALA A 100 15.25 5.14 0.13
C ALA A 100 14.15 6.14 -0.18
N VAL A 101 12.89 5.83 0.10
CA VAL A 101 11.82 6.73 -0.31
C VAL A 101 11.57 7.74 0.80
N ASN A 102 10.90 8.84 0.44
CA ASN A 102 10.58 9.89 1.40
C ASN A 102 9.37 10.66 0.88
N PHE A 103 8.21 10.46 1.48
CA PHE A 103 6.98 11.10 0.99
C PHE A 103 5.97 11.09 2.13
N PRO A 104 5.10 12.10 2.23
CA PRO A 104 4.24 12.19 3.44
C PRO A 104 3.36 10.98 3.67
N PHE A 105 2.96 10.25 2.62
CA PHE A 105 2.02 9.15 2.76
C PHE A 105 2.70 7.79 2.63
N LEU A 106 4.02 7.74 2.80
CA LEU A 106 4.75 6.49 2.83
C LEU A 106 5.32 6.30 4.24
N VAL A 107 5.13 5.10 4.80
CA VAL A 107 5.59 4.88 6.17
C VAL A 107 7.12 5.03 6.22
N LYS A 108 7.61 5.54 7.34
CA LYS A 108 9.03 5.84 7.48
C LYS A 108 9.73 4.67 8.17
N LEU A 109 10.85 4.25 7.59
CA LEU A 109 11.72 3.25 8.20
C LEU A 109 12.69 3.93 9.14
N GLU A 110 12.62 3.58 10.41
CA GLU A 110 13.50 4.17 11.40
C GLU A 110 14.79 3.38 11.61
N PHE A 111 14.71 2.04 11.68
CA PHE A 111 15.89 1.21 11.85
C PHE A 111 15.68 -0.08 11.07
N SER A 112 16.79 -0.78 10.81
CA SER A 112 16.75 -2.15 10.32
C SER A 112 18.02 -2.88 10.79
N PHE A 113 17.90 -4.20 10.99
CA PHE A 113 19.02 -5.04 11.38
C PHE A 113 18.59 -6.49 11.16
N LYS A 114 19.53 -7.39 11.33
CA LYS A 114 19.26 -8.81 11.21
C LYS A 114 20.05 -9.55 12.28
N ASP A 115 19.65 -10.78 12.53
CA ASP A 115 20.39 -11.62 13.46
C ASP A 115 20.46 -13.02 12.89
N ASN A 116 20.83 -13.99 13.72
CA ASN A 116 21.01 -15.35 13.22
C ASN A 116 19.76 -15.87 12.53
N SER A 117 18.57 -15.54 13.07
CA SER A 117 17.31 -16.12 12.60
C SER A 117 16.48 -15.18 11.73
N ASN A 118 16.43 -13.90 12.05
CA ASN A 118 15.42 -13.00 11.51
C ASN A 118 16.00 -11.74 10.88
N LEU A 119 15.13 -11.10 10.08
CA LEU A 119 15.31 -9.77 9.56
C LEU A 119 14.33 -8.85 10.26
N TYR A 120 14.75 -7.62 10.53
CA TYR A 120 13.93 -6.66 11.28
C TYR A 120 13.87 -5.31 10.60
N MET A 121 12.67 -4.81 10.38
CA MET A 121 12.47 -3.44 9.92
C MET A 121 11.61 -2.74 10.95
N VAL A 122 12.16 -1.70 11.56
CA VAL A 122 11.45 -0.92 12.57
C VAL A 122 10.93 0.38 11.93
N MET A 123 9.62 0.49 11.86
CA MET A 123 8.94 1.58 11.20
C MET A 123 8.19 2.42 12.21
N GLU A 124 7.88 3.63 11.82
CA GLU A 124 6.99 4.45 12.60
C GLU A 124 5.69 3.68 12.87
N TYR A 125 5.21 3.76 14.10
CA TYR A 125 3.93 3.16 14.44
C TYR A 125 2.78 4.05 13.99
N VAL A 126 1.87 3.47 13.25
CA VAL A 126 0.74 4.17 12.63
C VAL A 126 -0.51 3.68 13.37
N PRO A 127 -1.02 4.44 14.34
CA PRO A 127 -1.91 3.85 15.36
C PRO A 127 -3.34 3.65 14.91
N GLY A 128 -3.72 4.22 13.80
CA GLY A 128 -5.14 4.24 13.46
C GLY A 128 -5.67 3.00 12.79
N GLY A 129 -4.85 2.00 12.52
CA GLY A 129 -5.32 0.76 11.94
C GLY A 129 -5.37 0.82 10.43
N GLU A 130 -5.70 -0.35 9.85
CA GLU A 130 -5.88 -0.54 8.41
C GLU A 130 -7.17 0.14 7.96
N MET A 131 -7.12 0.78 6.79
CA MET A 131 -8.36 1.26 6.19
C MET A 131 -9.40 0.15 6.12
N PHE A 132 -8.95 -1.08 5.82
CA PHE A 132 -9.83 -2.24 5.69
C PHE A 132 -10.82 -2.33 6.85
N SER A 133 -10.32 -2.27 8.08
CA SER A 133 -11.16 -2.40 9.29
C SER A 133 -12.22 -1.31 9.33
N HIS A 134 -11.80 -0.07 9.09
CA HIS A 134 -12.75 1.03 9.16
C HIS A 134 -13.81 0.92 8.07
N LEU A 135 -13.40 0.51 6.86
CA LEU A 135 -14.34 0.39 5.77
C LEU A 135 -15.35 -0.74 6.02
N ARG A 136 -14.89 -1.88 6.52
CA ARG A 136 -15.85 -2.96 6.77
C ARG A 136 -16.76 -2.60 7.94
N ARG A 137 -16.27 -1.86 8.93
CA ARG A 137 -17.09 -1.50 10.08
C ARG A 137 -18.18 -0.51 9.69
N ILE A 138 -17.78 0.57 9.01
CA ILE A 138 -18.71 1.63 8.60
C ILE A 138 -19.56 1.22 7.42
N GLY A 139 -19.08 0.27 6.60
CA GLY A 139 -19.77 -0.18 5.40
C GLY A 139 -19.19 0.43 4.14
N ARG A 140 -19.34 1.75 4.01
CA ARG A 140 -18.78 2.46 2.89
C ARG A 140 -18.52 3.89 3.30
N PHE A 141 -17.65 4.54 2.54
CA PHE A 141 -17.35 5.95 2.72
C PHE A 141 -18.17 6.81 1.77
N GLU A 143 -18.59 10.05 -0.81
CA GLU A 143 -17.65 10.40 -1.87
C GLU A 143 -16.56 11.40 -1.43
N PRO A 144 -16.89 12.38 -0.56
CA PRO A 144 -15.82 13.27 -0.08
C PRO A 144 -14.81 12.57 0.81
N HIS A 145 -15.26 11.65 1.64
CA HIS A 145 -14.37 10.84 2.46
C HIS A 145 -13.46 9.98 1.57
N ALA A 146 -14.06 9.31 0.58
CA ALA A 146 -13.29 8.51 -0.35
C ALA A 146 -12.33 9.38 -1.17
N ARG A 147 -12.80 10.55 -1.62
CA ARG A 147 -11.94 11.43 -2.42
C ARG A 147 -10.72 11.86 -1.63
N PHE A 148 -10.88 12.09 -0.32
CA PHE A 148 -9.76 12.51 0.52
C PHE A 148 -8.65 11.49 0.50
N TYR A 149 -9.01 10.21 0.68
CA TYR A 149 -8.02 9.14 0.57
C TYR A 149 -7.49 9.01 -0.87
N ALA A 150 -8.39 9.04 -1.85
CA ALA A 150 -7.98 8.86 -3.23
C ALA A 150 -6.92 9.89 -3.64
N ALA A 151 -7.10 11.15 -3.23
CA ALA A 151 -6.13 12.19 -3.59
C ALA A 151 -4.74 11.85 -3.06
N GLN A 152 -4.67 11.27 -1.88
CA GLN A 152 -3.37 10.89 -1.33
C GLN A 152 -2.72 9.77 -2.13
N ILE A 153 -3.51 8.78 -2.59
CA ILE A 153 -2.97 7.73 -3.45
C ILE A 153 -2.50 8.31 -4.77
N VAL A 154 -3.28 9.20 -5.39
CA VAL A 154 -2.85 9.82 -6.64
C VAL A 154 -1.47 10.44 -6.46
N LEU A 155 -1.31 11.28 -5.44
CA LEU A 155 -0.01 11.90 -5.23
C LEU A 155 1.08 10.87 -4.96
N THR A 156 0.77 9.85 -4.14
CA THR A 156 1.75 8.84 -3.83
C THR A 156 2.19 8.09 -5.09
N PHE A 157 1.24 7.78 -5.98
CA PHE A 157 1.63 7.08 -7.20
C PHE A 157 2.39 8.02 -8.15
N GLU A 158 2.02 9.30 -8.20
CA GLU A 158 2.81 10.25 -8.98
C GLU A 158 4.28 10.21 -8.52
N TYR A 159 4.50 10.25 -7.20
CA TYR A 159 5.86 10.16 -6.64
C TYR A 159 6.51 8.84 -6.99
N LEU A 160 5.83 7.72 -6.70
CA LEU A 160 6.46 6.42 -6.92
C LEU A 160 6.78 6.20 -8.39
N HIS A 161 5.83 6.53 -9.28
CA HIS A 161 6.06 6.35 -10.70
C HIS A 161 7.19 7.24 -11.23
N SER A 162 7.36 8.43 -10.67
CA SER A 162 8.48 9.28 -11.10
C SER A 162 9.82 8.64 -10.77
N LEU A 163 9.86 7.74 -9.79
CA LEU A 163 11.03 6.96 -9.43
C LEU A 163 11.11 5.65 -10.19
N ASP A 164 10.21 5.42 -11.14
CA ASP A 164 10.11 4.17 -11.89
C ASP A 164 9.72 2.99 -11.00
N LEU A 165 9.03 3.25 -9.90
CA LEU A 165 8.49 2.20 -9.04
C LEU A 165 7.02 1.93 -9.38
N ILE A 166 6.72 0.67 -9.73
CA ILE A 166 5.35 0.18 -9.87
C ILE A 166 4.96 -0.48 -8.56
N TYR A 167 3.78 -0.12 -8.01
CA TYR A 167 3.49 -0.51 -6.63
C TYR A 167 2.88 -1.91 -6.54
N ARG A 168 1.77 -2.11 -7.26
CA ARG A 168 1.20 -3.43 -7.55
C ARG A 168 0.44 -4.10 -6.41
N ASP A 169 0.34 -3.53 -5.21
CA ASP A 169 -0.48 -4.21 -4.20
C ASP A 169 -1.37 -3.23 -3.44
N LEU A 170 -1.99 -2.31 -4.17
CA LEU A 170 -2.96 -1.40 -3.56
C LEU A 170 -4.20 -2.17 -3.15
N LYS A 171 -4.66 -1.91 -1.94
CA LYS A 171 -5.89 -2.42 -1.37
C LYS A 171 -6.07 -1.84 0.03
N PRO A 172 -7.31 -1.80 0.54
CA PRO A 172 -7.54 -1.23 1.87
C PRO A 172 -6.72 -1.91 2.96
N GLU A 173 -6.42 -3.21 2.79
CA GLU A 173 -5.59 -3.97 3.73
C GLU A 173 -4.18 -3.40 3.86
N ASN A 174 -3.69 -2.72 2.82
CA ASN A 174 -2.34 -2.20 2.77
C ASN A 174 -2.28 -0.68 2.96
N LEU A 175 -3.34 -0.07 3.45
CA LEU A 175 -3.37 1.35 3.74
C LEU A 175 -3.66 1.57 5.22
N LEU A 176 -2.74 2.27 5.90
CA LEU A 176 -2.92 2.55 7.31
C LEU A 176 -3.37 3.99 7.49
N ILE A 177 -4.06 4.26 8.60
CA ILE A 177 -4.58 5.60 8.91
C ILE A 177 -3.81 6.15 10.09
N ASP A 178 -3.21 7.34 9.92
CA ASP A 178 -2.43 7.88 11.02
C ASP A 178 -3.28 8.72 11.99
N GLN A 179 -2.61 9.27 13.00
CA GLN A 179 -3.27 10.01 14.06
C GLN A 179 -3.99 11.26 13.55
N GLN A 180 -3.54 11.84 12.43
CA GLN A 180 -4.25 12.96 11.84
C GLN A 180 -5.27 12.51 10.79
N GLY A 181 -5.51 11.22 10.66
CA GLY A 181 -6.45 10.73 9.67
C GLY A 181 -5.91 10.59 8.27
N TYR A 182 -4.60 10.79 8.06
CA TYR A 182 -4.04 10.65 6.71
C TYR A 182 -3.53 9.22 6.52
N ILE A 183 -3.34 8.87 5.28
CA ILE A 183 -2.95 7.54 4.85
C ILE A 183 -1.43 7.34 4.95
N GLN A 184 -1.05 6.14 5.35
CA GLN A 184 0.32 5.67 5.24
C GLN A 184 0.34 4.35 4.49
N VAL A 185 1.15 4.29 3.42
CA VAL A 185 1.36 3.06 2.65
C VAL A 185 2.58 2.34 3.21
N THR A 186 2.47 1.01 3.50
CA THR A 186 3.52 0.31 4.27
C THR A 186 4.26 -0.81 3.52
N ASP A 187 3.59 -1.54 2.65
CA ASP A 187 4.05 -2.81 2.13
C ASP A 187 4.60 -2.66 0.72
N PHE A 188 5.88 -2.94 0.55
CA PHE A 188 6.52 -2.80 -0.74
C PHE A 188 7.11 -4.12 -1.23
N GLY A 189 6.58 -5.24 -0.75
CA GLY A 189 7.12 -6.54 -1.13
C GLY A 189 6.90 -6.93 -2.57
N PHE A 190 5.88 -6.36 -3.22
CA PHE A 190 5.68 -6.61 -4.65
C PHE A 190 6.01 -5.44 -5.54
N ALA A 191 6.46 -4.33 -4.97
CA ALA A 191 6.90 -3.21 -5.79
C ALA A 191 8.11 -3.58 -6.64
N LYS A 192 8.22 -2.99 -7.82
CA LYS A 192 9.33 -3.25 -8.72
C LYS A 192 9.82 -1.93 -9.30
N ARG A 193 11.13 -1.70 -9.26
CA ARG A 193 11.71 -0.52 -9.90
C ARG A 193 12.09 -0.92 -11.32
N VAL A 194 11.22 -0.62 -12.29
CA VAL A 194 11.50 -0.83 -13.73
C VAL A 194 11.01 0.38 -14.50
N LYS A 195 11.77 0.78 -15.52
CA LYS A 195 11.35 1.90 -16.36
C LYS A 195 10.19 1.53 -17.28
N GLY A 196 10.24 0.35 -17.89
CA GLY A 196 9.26 0.01 -18.91
C GLY A 196 8.25 -1.03 -18.47
N ARG A 197 8.21 -2.14 -19.19
CA ARG A 197 7.28 -3.22 -18.92
C ARG A 197 7.89 -4.33 -18.07
N THR A 198 7.00 -5.11 -17.46
CA THR A 198 7.35 -6.26 -16.66
C THR A 198 6.24 -7.28 -16.80
N TRP A 199 6.49 -8.51 -16.30
CA TRP A 199 5.63 -9.64 -16.60
C TRP A 199 5.11 -10.51 -15.43
N LEU A 201 3.06 -12.27 -12.62
CA LEU A 201 1.71 -12.38 -12.10
C LEU A 201 1.73 -12.19 -10.58
N CYS A 202 1.33 -11.01 -10.14
CA CYS A 202 1.38 -10.72 -8.71
C CYS A 202 0.38 -9.63 -8.37
N GLY A 203 -0.08 -9.65 -7.12
CA GLY A 203 -1.13 -8.75 -6.67
C GLY A 203 -2.21 -9.54 -5.97
N THR A 204 -3.37 -8.90 -5.80
CA THR A 204 -4.50 -9.51 -5.15
C THR A 204 -5.66 -9.59 -6.14
N PRO A 205 -6.38 -10.71 -6.21
CA PRO A 205 -7.29 -10.92 -7.36
C PRO A 205 -8.21 -9.76 -7.67
N GLU A 206 -8.92 -9.24 -6.67
CA GLU A 206 -9.88 -8.16 -6.87
C GLU A 206 -9.23 -6.93 -7.50
N TYR A 207 -7.94 -6.71 -7.28
CA TYR A 207 -7.24 -5.51 -7.72
C TYR A 207 -6.37 -5.71 -8.96
N LEU A 208 -6.34 -6.91 -9.55
CA LEU A 208 -5.48 -7.18 -10.70
C LEU A 208 -5.99 -6.50 -11.96
N ALA A 209 -5.12 -5.75 -12.62
CA ALA A 209 -5.48 -5.18 -13.91
C ALA A 209 -5.61 -6.30 -14.96
N PRO A 210 -6.49 -6.11 -15.94
CA PRO A 210 -6.69 -7.18 -16.93
C PRO A 210 -5.41 -7.61 -17.63
N GLU A 211 -4.52 -6.66 -17.97
CA GLU A 211 -3.31 -7.06 -18.69
C GLU A 211 -2.40 -7.94 -17.83
N ILE A 212 -2.50 -7.88 -16.51
CA ILE A 212 -1.76 -8.84 -15.68
C ILE A 212 -2.39 -10.22 -15.77
N ILE A 213 -3.73 -10.29 -15.68
CA ILE A 213 -4.46 -11.55 -15.75
C ILE A 213 -4.19 -12.23 -17.08
N LEU A 214 -4.07 -11.46 -18.13
CA LEU A 214 -3.94 -11.95 -19.49
C LEU A 214 -2.49 -12.25 -19.87
N SER A 215 -1.58 -12.20 -18.90
CA SER A 215 -0.20 -12.63 -19.15
C SER A 215 0.44 -11.81 -20.26
N LYS A 216 0.04 -10.54 -20.34
CA LYS A 216 0.71 -9.60 -21.21
C LYS A 216 1.84 -8.93 -20.43
N GLY A 217 2.75 -8.30 -21.15
CA GLY A 217 3.60 -7.32 -20.54
C GLY A 217 2.75 -6.15 -20.09
N TYR A 218 3.16 -5.52 -18.97
CA TYR A 218 2.39 -4.41 -18.42
C TYR A 218 3.33 -3.42 -17.77
N ASN A 219 2.79 -2.24 -17.49
CA ASN A 219 3.58 -1.12 -17.02
C ASN A 219 2.83 -0.48 -15.86
N LYS A 220 3.26 0.73 -15.50
CA LYS A 220 2.78 1.38 -14.29
C LYS A 220 1.29 1.70 -14.37
N ALA A 221 0.69 1.63 -15.56
CA ALA A 221 -0.75 1.81 -15.71
C ALA A 221 -1.56 0.82 -14.87
N VAL A 222 -0.98 -0.31 -14.46
CA VAL A 222 -1.72 -1.22 -13.61
C VAL A 222 -2.07 -0.57 -12.28
N ASP A 223 -1.24 0.37 -11.79
CA ASP A 223 -1.54 1.02 -10.52
C ASP A 223 -2.74 1.94 -10.66
N TRP A 224 -2.94 2.54 -11.85
CA TRP A 224 -4.08 3.41 -12.03
C TRP A 224 -5.36 2.60 -12.14
N TRP A 225 -5.30 1.43 -12.77
CA TRP A 225 -6.44 0.52 -12.68
C TRP A 225 -6.78 0.21 -11.22
N ALA A 226 -5.77 -0.13 -10.43
CA ALA A 226 -6.02 -0.52 -9.04
C ALA A 226 -6.58 0.65 -8.25
N LEU A 227 -6.16 1.87 -8.57
CA LEU A 227 -6.77 3.03 -7.94
C LEU A 227 -8.26 3.07 -8.20
N GLY A 228 -8.69 2.71 -9.40
CA GLY A 228 -10.10 2.68 -9.71
C GLY A 228 -10.85 1.65 -8.89
N VAL A 229 -10.25 0.46 -8.74
CA VAL A 229 -10.83 -0.57 -7.88
C VAL A 229 -10.97 -0.04 -6.45
N LEU A 230 -9.92 0.62 -5.95
CA LEU A 230 -9.93 1.14 -4.58
C LEU A 230 -11.00 2.20 -4.40
N ILE A 231 -11.08 3.13 -5.35
CA ILE A 231 -12.09 4.18 -5.20
C ILE A 231 -13.49 3.57 -5.19
N TYR A 232 -13.73 2.65 -6.12
CA TYR A 232 -15.00 1.93 -6.17
C TYR A 232 -15.29 1.26 -4.82
N GLU A 233 -14.31 0.54 -4.26
CA GLU A 233 -14.60 -0.24 -3.06
C GLU A 233 -14.86 0.68 -1.86
N MET A 234 -14.09 1.78 -1.76
CA MET A 234 -14.31 2.80 -0.72
C MET A 234 -15.71 3.39 -0.80
N ALA A 235 -16.16 3.75 -2.01
CA ALA A 235 -17.44 4.42 -2.18
C ALA A 235 -18.63 3.45 -2.15
N ALA A 236 -18.43 2.20 -2.57
CA ALA A 236 -19.51 1.21 -2.57
C ALA A 236 -19.58 0.36 -1.33
N GLY A 237 -18.43 0.09 -0.69
CA GLY A 237 -18.33 -0.92 0.36
C GLY A 237 -17.95 -2.30 -0.11
N TYR A 238 -17.91 -2.53 -1.42
CA TYR A 238 -17.47 -3.77 -2.03
C TYR A 238 -16.76 -3.43 -3.33
N PRO A 239 -15.88 -4.29 -3.81
CA PRO A 239 -15.12 -3.95 -5.02
C PRO A 239 -15.93 -4.19 -6.27
N PRO A 240 -15.47 -3.68 -7.41
CA PRO A 240 -16.26 -3.81 -8.65
C PRO A 240 -16.37 -5.24 -9.17
N PHE A 241 -15.40 -6.11 -8.88
CA PHE A 241 -15.37 -7.46 -9.44
C PHE A 241 -15.14 -8.43 -8.30
N PHE A 242 -16.14 -9.25 -7.98
CA PHE A 242 -15.95 -10.26 -6.96
C PHE A 242 -16.74 -11.50 -7.34
N ALA A 243 -16.35 -12.61 -6.72
CA ALA A 243 -16.94 -13.93 -6.97
C ALA A 243 -16.40 -14.87 -5.90
N ASP A 244 -16.96 -16.08 -5.89
CA ASP A 244 -16.55 -17.10 -4.92
C ASP A 244 -15.09 -17.49 -5.13
N GLN A 245 -14.64 -17.56 -6.38
CA GLN A 245 -13.28 -18.00 -6.68
C GLN A 245 -12.52 -16.99 -7.52
N PRO A 246 -11.21 -16.87 -7.32
CA PRO A 246 -10.40 -15.95 -8.14
C PRO A 246 -10.58 -16.11 -9.64
N ILE A 247 -10.62 -17.34 -10.18
CA ILE A 247 -10.75 -17.49 -11.64
C ILE A 247 -12.00 -16.78 -12.12
N GLN A 248 -13.11 -16.90 -11.38
CA GLN A 248 -14.35 -16.19 -11.72
C GLN A 248 -14.20 -14.67 -11.58
N ILE A 249 -13.40 -14.20 -10.63
CA ILE A 249 -13.13 -12.77 -10.55
C ILE A 249 -12.37 -12.31 -11.78
N TYR A 250 -11.39 -13.11 -12.22
CA TYR A 250 -10.60 -12.75 -13.39
C TYR A 250 -11.48 -12.60 -14.63
N GLU A 251 -12.48 -13.47 -14.80
CA GLU A 251 -13.33 -13.43 -15.98
C GLU A 251 -14.11 -12.12 -16.05
N LYS A 252 -14.61 -11.65 -14.91
CA LYS A 252 -15.32 -10.38 -14.84
C LYS A 252 -14.39 -9.21 -15.09
N ILE A 253 -13.20 -9.24 -14.51
CA ILE A 253 -12.24 -8.17 -14.74
C ILE A 253 -11.97 -7.98 -16.23
N VAL A 254 -11.67 -9.07 -16.94
CA VAL A 254 -11.29 -8.89 -18.36
C VAL A 254 -12.48 -8.65 -19.27
N SER A 255 -13.70 -8.85 -18.78
CA SER A 255 -14.89 -8.76 -19.62
C SER A 255 -15.10 -7.37 -20.18
N GLY A 256 -14.63 -6.32 -19.51
CA GLY A 256 -14.92 -4.98 -19.94
C GLY A 256 -16.26 -4.44 -19.49
N LYS A 257 -16.97 -5.16 -18.60
CA LYS A 257 -18.25 -4.76 -18.04
C LYS A 257 -18.11 -4.49 -16.55
N VAL A 258 -18.77 -3.43 -16.08
CA VAL A 258 -18.83 -3.09 -14.67
C VAL A 258 -20.17 -2.43 -14.39
N ARG A 259 -20.63 -2.56 -13.16
CA ARG A 259 -21.91 -1.98 -12.74
C ARG A 259 -21.66 -1.12 -11.52
N PHE A 260 -22.39 0.00 -11.46
CA PHE A 260 -22.20 0.94 -10.36
C PHE A 260 -23.41 0.99 -9.43
N PRO A 261 -23.21 1.18 -8.12
CA PRO A 261 -24.36 1.45 -7.23
C PRO A 261 -25.08 2.71 -7.68
N SER A 262 -26.41 2.75 -7.45
CA SER A 262 -27.20 3.89 -7.92
C SER A 262 -26.85 5.19 -7.19
N HIS A 263 -26.19 5.13 -6.04
CA HIS A 263 -25.82 6.35 -5.32
C HIS A 263 -24.51 6.97 -5.81
N PHE A 264 -23.74 6.26 -6.63
CA PHE A 264 -22.55 6.86 -7.23
C PHE A 264 -22.96 8.09 -8.04
N SER A 265 -22.24 9.19 -7.86
CA SER A 265 -22.47 10.37 -8.67
C SER A 265 -22.03 10.12 -10.12
N SER A 266 -22.51 11.01 -10.99
CA SER A 266 -22.13 10.99 -12.40
C SER A 266 -20.64 11.18 -12.60
N ASP A 267 -20.07 12.19 -11.92
CA ASP A 267 -18.63 12.45 -11.96
C ASP A 267 -17.85 11.22 -11.51
N LEU A 268 -18.31 10.55 -10.46
CA LEU A 268 -17.57 9.37 -9.98
C LEU A 268 -17.59 8.26 -11.02
N LYS A 269 -18.75 7.98 -11.58
CA LYS A 269 -18.83 6.93 -12.59
C LYS A 269 -17.93 7.23 -13.79
N ASP A 270 -17.87 8.49 -14.21
CA ASP A 270 -17.07 8.80 -15.38
C ASP A 270 -15.59 8.60 -15.09
N LEU A 271 -15.13 9.04 -13.92
CA LEU A 271 -13.75 8.78 -13.50
C LEU A 271 -13.48 7.28 -13.50
N LEU A 272 -14.39 6.50 -12.92
CA LEU A 272 -14.15 5.07 -12.78
C LEU A 272 -14.18 4.37 -14.13
N ARG A 273 -15.04 4.80 -15.05
CA ARG A 273 -14.97 4.24 -16.39
C ARG A 273 -13.62 4.48 -17.03
N ASN A 274 -12.96 5.60 -16.72
CA ASN A 274 -11.67 5.91 -17.32
C ASN A 274 -10.48 5.29 -16.58
N LEU A 275 -10.65 4.96 -15.30
CA LEU A 275 -9.57 4.20 -14.64
C LEU A 275 -9.73 2.70 -14.84
N LEU A 276 -10.97 2.19 -14.71
CA LEU A 276 -11.27 0.79 -14.94
C LEU A 276 -11.44 0.55 -16.44
N GLN A 277 -10.49 1.06 -17.22
CA GLN A 277 -10.50 0.98 -18.67
C GLN A 277 -9.64 -0.21 -19.09
N VAL A 278 -10.29 -1.20 -19.71
CA VAL A 278 -9.60 -2.44 -20.07
C VAL A 278 -8.51 -2.17 -21.09
N ASP A 279 -8.70 -1.20 -21.96
CA ASP A 279 -7.77 -0.81 -23.01
C ASP A 279 -6.70 0.09 -22.42
N LEU A 280 -5.58 -0.51 -21.99
CA LEU A 280 -4.57 0.28 -21.29
C LEU A 280 -4.04 1.44 -22.10
N THR A 281 -4.32 1.50 -23.39
CA THR A 281 -3.93 2.67 -24.18
C THR A 281 -4.96 3.80 -24.12
N LYS A 282 -6.12 3.57 -23.49
CA LYS A 282 -7.14 4.60 -23.24
C LYS A 282 -7.34 4.90 -21.75
N ARG A 283 -6.55 4.30 -20.88
CA ARG A 283 -6.80 4.39 -19.44
C ARG A 283 -6.21 5.66 -18.87
N PHE A 284 -6.99 6.34 -18.02
CA PHE A 284 -6.50 7.54 -17.36
C PHE A 284 -5.30 7.24 -16.51
N GLY A 285 -4.35 8.18 -16.52
CA GLY A 285 -3.04 8.01 -15.95
C GLY A 285 -2.02 7.43 -16.92
N ASN A 286 -2.46 6.86 -18.05
CA ASN A 286 -1.55 6.28 -19.02
C ASN A 286 -1.57 7.00 -20.36
N LEU A 287 -2.24 8.15 -20.43
CA LEU A 287 -2.33 8.94 -21.65
C LEU A 287 -1.27 10.04 -21.70
N LYS A 288 -1.37 10.90 -22.72
CA LYS A 288 -0.31 11.87 -22.97
C LYS A 288 -0.09 12.77 -21.76
N ASN A 289 -1.17 13.21 -21.12
CA ASN A 289 -1.08 14.11 -19.99
C ASN A 289 -0.94 13.36 -18.66
N GLY A 290 -0.71 12.05 -18.71
CA GLY A 290 -0.34 11.28 -17.51
C GLY A 290 -1.26 11.56 -16.35
N VAL A 291 -0.68 11.86 -15.19
CA VAL A 291 -1.50 11.92 -13.99
C VAL A 291 -2.45 13.11 -14.00
N ASN A 292 -2.20 14.12 -14.83
CA ASN A 292 -3.04 15.32 -14.77
C ASN A 292 -4.45 15.05 -15.27
N ASP A 293 -4.63 14.05 -16.15
CA ASP A 293 -5.99 13.69 -16.54
C ASP A 293 -6.82 13.29 -15.33
N ILE A 294 -6.18 12.68 -14.33
CA ILE A 294 -6.87 12.32 -13.11
C ILE A 294 -7.04 13.53 -12.21
N LYS A 295 -5.97 14.29 -11.96
CA LYS A 295 -6.07 15.44 -11.06
C LYS A 295 -7.06 16.48 -11.56
N ASN A 296 -7.20 16.61 -12.87
CA ASN A 296 -8.08 17.63 -13.45
C ASN A 296 -9.49 17.12 -13.68
N HIS A 297 -9.79 15.88 -13.32
CA HIS A 297 -11.12 15.31 -13.56
C HIS A 297 -12.16 15.95 -12.64
N LYS A 298 -13.40 16.05 -13.14
CA LYS A 298 -14.44 16.78 -12.42
C LYS A 298 -14.64 16.29 -11.00
N TRP A 299 -14.49 14.98 -10.76
CA TRP A 299 -14.68 14.45 -9.42
C TRP A 299 -13.68 15.03 -8.42
N PHE A 300 -12.50 15.43 -8.89
CA PHE A 300 -11.49 16.03 -8.04
C PHE A 300 -11.53 17.55 -8.08
N ALA A 301 -12.60 18.17 -8.61
CA ALA A 301 -12.55 19.61 -8.82
C ALA A 301 -12.39 20.38 -7.51
N THR A 302 -12.88 19.84 -6.40
CA THR A 302 -12.78 20.51 -5.12
C THR A 302 -11.51 20.14 -4.36
N THR A 303 -10.62 19.38 -4.96
CA THR A 303 -9.42 18.91 -4.28
C THR A 303 -8.30 19.93 -4.41
N ASP A 304 -7.82 20.42 -3.28
CA ASP A 304 -6.65 21.30 -3.22
C ASP A 304 -5.43 20.41 -3.09
N TRP A 305 -4.81 20.09 -4.24
CA TRP A 305 -3.76 19.07 -4.26
C TRP A 305 -2.57 19.47 -3.40
N ILE A 306 -2.21 20.76 -3.40
CA ILE A 306 -1.08 21.18 -2.59
C ILE A 306 -1.44 21.05 -1.11
N ALA A 307 -2.67 21.41 -0.74
CA ALA A 307 -3.04 21.34 0.68
C ALA A 307 -3.07 19.90 1.16
N ILE A 308 -3.51 18.97 0.29
CA ILE A 308 -3.44 17.55 0.65
C ILE A 308 -2.01 17.15 0.92
N TYR A 309 -1.11 17.46 -0.03
CA TYR A 309 0.31 17.09 0.13
C TYR A 309 0.87 17.66 1.43
N GLN A 310 0.54 18.92 1.73
CA GLN A 310 1.01 19.62 2.92
C GLN A 310 0.24 19.22 4.18
N ARG A 311 -0.76 18.34 4.05
CA ARG A 311 -1.49 17.80 5.19
C ARG A 311 -2.21 18.91 5.93
N LYS A 312 -2.74 19.88 5.18
CA LYS A 312 -3.46 21.00 5.78
C LYS A 312 -4.97 20.86 5.66
N VAL A 313 -5.46 19.84 4.96
CA VAL A 313 -6.88 19.57 4.84
C VAL A 313 -7.38 18.81 6.06
N GLU A 314 -8.53 19.22 6.57
CA GLU A 314 -9.12 18.57 7.73
C GLU A 314 -9.57 17.18 7.34
N ALA A 315 -9.10 16.18 8.06
CA ALA A 315 -9.48 14.84 7.64
C ALA A 315 -10.93 14.55 8.03
N PRO A 316 -11.64 13.76 7.20
CA PRO A 316 -13.07 13.49 7.50
C PRO A 316 -13.27 12.53 8.67
N PHE A 317 -12.24 11.78 9.04
CA PHE A 317 -12.33 10.75 10.06
C PHE A 317 -11.01 10.68 10.79
N ILE A 318 -11.07 10.74 12.12
CA ILE A 318 -9.91 10.65 12.99
C ILE A 318 -10.08 9.42 13.87
N PRO A 319 -9.19 8.42 13.78
CA PRO A 319 -9.35 7.24 14.62
C PRO A 319 -9.20 7.57 16.10
N LYS A 320 -9.79 6.70 16.93
CA LYS A 320 -9.65 6.81 18.37
C LYS A 320 -8.21 6.53 18.80
N PHE A 321 -7.64 7.39 19.63
CA PHE A 321 -6.24 7.27 20.04
C PHE A 321 -6.11 7.67 21.51
N LYS A 322 -5.78 6.72 22.37
CA LYS A 322 -5.66 7.00 23.80
C LYS A 322 -4.33 7.64 24.13
N GLY A 323 -3.28 7.22 23.45
CA GLY A 323 -1.96 7.73 23.70
C GLY A 323 -0.91 6.82 23.09
N PRO A 324 0.37 7.11 23.33
CA PRO A 324 1.43 6.22 22.84
C PRO A 324 1.19 4.80 23.30
N GLY A 325 1.31 3.86 22.37
CA GLY A 325 1.11 2.46 22.66
C GLY A 325 -0.32 1.95 22.60
N ASP A 326 -1.30 2.81 22.30
CA ASP A 326 -2.67 2.34 22.15
C ASP A 326 -2.76 1.49 20.88
N THR A 327 -3.23 0.25 21.02
CA THR A 327 -3.38 -0.70 19.90
C THR A 327 -4.84 -1.05 19.61
N SER A 328 -5.77 -0.23 20.06
CA SER A 328 -7.18 -0.59 19.96
C SER A 328 -7.67 -0.68 18.52
N ASN A 329 -7.04 0.03 17.58
CA ASN A 329 -7.48 -0.01 16.18
C ASN A 329 -6.94 -1.21 15.41
N PHE A 330 -6.26 -2.13 16.10
CA PHE A 330 -5.72 -3.34 15.51
C PHE A 330 -6.35 -4.55 16.18
N ASP A 331 -6.40 -5.65 15.45
CA ASP A 331 -7.02 -6.84 15.99
C ASP A 331 -6.01 -7.62 16.82
N ASP A 332 -6.48 -8.72 17.40
CA ASP A 332 -5.71 -9.52 18.34
C ASP A 332 -5.20 -10.76 17.63
N TYR A 333 -3.97 -11.14 17.96
CA TYR A 333 -3.29 -12.26 17.33
C TYR A 333 -2.63 -13.08 18.42
N GLU A 334 -2.43 -14.37 18.18
CA GLU A 334 -1.74 -15.21 19.16
C GLU A 334 -0.27 -14.79 19.25
N GLU A 335 0.22 -14.57 20.47
CA GLU A 335 1.58 -14.11 20.70
C GLU A 335 2.54 -15.30 20.70
N GLU A 336 3.56 -15.24 19.84
CA GLU A 336 4.58 -16.30 19.73
C GLU A 336 5.94 -15.73 20.12
N GLU A 337 6.83 -16.61 20.60
CA GLU A 337 8.19 -16.19 20.92
C GLU A 337 8.86 -15.57 19.69
N ILE A 338 9.80 -14.67 19.95
CA ILE A 338 10.78 -14.26 18.95
C ILE A 338 12.03 -15.05 19.30
N ARG A 339 12.28 -16.13 18.56
CA ARG A 339 13.39 -17.02 18.87
C ARG A 339 14.56 -16.72 17.95
N VAL A 340 15.75 -16.76 18.53
CA VAL A 340 16.98 -16.42 17.85
C VAL A 340 17.92 -17.59 18.02
N ILE A 342 21.10 -20.24 17.84
CA ILE A 342 22.54 -20.22 18.09
C ILE A 342 23.32 -20.28 16.78
N ASN A 343 22.69 -20.80 15.72
CA ASN A 343 23.34 -20.95 14.42
C ASN A 343 22.84 -19.88 13.45
N GLU A 344 23.76 -19.25 12.71
CA GLU A 344 23.35 -18.31 11.68
C GLU A 344 22.65 -19.05 10.55
N LYS A 345 21.48 -18.57 10.17
CA LYS A 345 20.72 -19.11 9.07
C LYS A 345 20.81 -18.16 7.87
N CYS A 346 21.09 -18.71 6.69
CA CYS A 346 20.85 -18.05 5.41
C CYS A 346 21.64 -16.76 5.31
N GLY A 347 22.90 -16.79 5.78
CA GLY A 347 23.67 -15.57 5.85
C GLY A 347 23.97 -15.03 4.47
N LYS A 348 24.41 -15.91 3.57
CA LYS A 348 24.81 -15.50 2.22
C LYS A 348 23.64 -14.85 1.49
N GLU A 349 22.45 -15.43 1.65
CA GLU A 349 21.26 -14.94 0.95
C GLU A 349 20.91 -13.51 1.33
N PHE A 350 21.20 -13.11 2.58
CA PHE A 350 20.71 -11.83 3.09
C PHE A 350 21.85 -10.86 3.42
N THR A 351 23.00 -11.05 2.79
CA THR A 351 24.16 -10.18 3.03
C THR A 351 23.81 -8.70 2.88
N GLU A 352 23.00 -8.37 1.89
N GLU A 352 23.01 -8.36 1.88
CA GLU A 352 22.74 -6.97 1.57
CA GLU A 352 22.76 -6.94 1.59
C GLU A 352 21.75 -6.32 2.53
C GLU A 352 21.77 -6.30 2.54
N PHE A 353 21.03 -7.09 3.34
CA PHE A 353 20.04 -6.52 4.22
C PHE A 353 20.72 -5.74 5.35
N THR B 1 -29.28 -8.65 -3.43
CA THR B 1 -28.71 -7.37 -3.85
C THR B 1 -27.22 -7.59 -4.12
N THR B 2 -26.54 -6.61 -4.72
CA THR B 2 -25.09 -6.73 -4.90
C THR B 2 -24.37 -6.93 -3.55
N TYR B 3 -24.76 -6.17 -2.51
CA TYR B 3 -24.19 -6.38 -1.18
C TYR B 3 -24.40 -7.80 -0.70
N ALA B 4 -25.63 -8.32 -0.87
CA ALA B 4 -25.86 -9.70 -0.49
C ALA B 4 -24.91 -10.62 -1.22
N ASP B 5 -24.74 -10.39 -2.53
CA ASP B 5 -23.80 -11.21 -3.31
C ASP B 5 -22.38 -11.10 -2.77
N PHE B 6 -21.97 -9.89 -2.39
CA PHE B 6 -20.64 -9.70 -1.78
C PHE B 6 -20.49 -10.54 -0.52
N ILE B 7 -21.45 -10.47 0.39
CA ILE B 7 -21.36 -11.27 1.62
C ILE B 7 -21.27 -12.75 1.28
N ALA B 8 -22.04 -13.21 0.30
CA ALA B 8 -22.05 -14.63 -0.01
C ALA B 8 -20.77 -15.08 -0.71
N SER B 9 -19.99 -14.15 -1.27
CA SER B 9 -18.75 -14.52 -1.93
C SER B 9 -17.74 -15.19 -1.01
N GLY B 10 -17.82 -14.94 0.30
CA GLY B 10 -16.76 -15.38 1.16
C GLY B 10 -15.46 -14.64 0.99
N ARG B 11 -15.49 -13.47 0.34
CA ARG B 11 -14.27 -12.68 0.21
C ARG B 11 -14.50 -11.31 0.84
N THR B 12 -15.04 -11.28 2.05
CA THR B 12 -15.20 -10.03 2.78
C THR B 12 -14.11 -9.81 3.81
N SER B 13 -13.32 -10.84 4.12
CA SER B 13 -12.22 -10.70 5.06
C SER B 13 -10.97 -10.22 4.35
N ARG B 14 -9.90 -10.04 5.11
CA ARG B 14 -8.64 -9.59 4.53
C ARG B 14 -8.19 -10.56 3.44
N ARG B 15 -7.84 -10.01 2.29
CA ARG B 15 -7.53 -10.78 1.09
C ARG B 15 -6.01 -10.92 0.92
N ASP B 16 -5.54 -12.13 0.71
CA ASP B 16 -4.11 -12.38 0.51
C ASP B 16 -3.69 -12.04 -0.91
N ALA B 17 -2.41 -11.71 -1.09
CA ALA B 17 -1.88 -11.64 -2.45
C ALA B 17 -1.80 -13.05 -3.04
N ILE B 18 -1.78 -13.13 -4.36
CA ILE B 18 -1.64 -14.44 -4.99
C ILE B 18 -0.19 -14.90 -4.90
#